data_4WT7
#
_entry.id   4WT7
#
_cell.length_a   77.080
_cell.length_b   83.930
_cell.length_c   189.080
_cell.angle_alpha   90.000
_cell.angle_beta   90.000
_cell.angle_gamma   90.000
#
_symmetry.space_group_name_H-M   'C 2 2 21'
#
loop_
_entity.id
_entity.type
_entity.pdbx_description
1 polymer 'ABC transporter substrate binding protein (Ribose)'
2 non-polymer D-allitol
3 non-polymer 'CHLORIDE ION'
4 water water
#
_entity_poly.entity_id   1
_entity_poly.type   'polypeptide(L)'
_entity_poly.pdbx_seq_one_letter_code
;(MSE)HHHHHHSSGVDLGTENLYFQS(MSE)ADEALSLKGKRIGISTAGTDHFFDLQAYNAQIAEVKRLGGEPLAVDAGR
SDGKLVAQLQTLIAQKPDAIVQLLGTLTVIDPWLKRARDAGIPVLTIDVGSSHSLNNSTSDNWGIGKDLALQLVSDIGGE
GNVVVFNGFYGVTPCAIRYDQLVNVIKYFPKVKIIQPELRDVIPNTVQDAFAQVTAILNKYPEKGSIKAIWSAWDIPQLG
ATQALAAAGRTEIKTYGVDGSPEVLQLVADPASPAAADVAQQPAELGRQAIQNVALLLSGKTLPRESYVPALLANKQTVN
EVTRKLGIG
;
_entity_poly.pdbx_strand_id   A,B
#
# COMPACT_ATOMS: atom_id res chain seq x y z
N GLU A 26 -26.35 -34.37 13.28
CA GLU A 26 -24.95 -34.77 13.12
C GLU A 26 -24.00 -33.58 12.99
N ALA A 27 -22.71 -33.83 13.22
CA ALA A 27 -21.68 -32.79 13.14
C ALA A 27 -21.75 -32.08 11.76
N LEU A 28 -21.49 -30.79 11.74
CA LEU A 28 -21.53 -30.09 10.47
C LEU A 28 -20.32 -30.45 9.57
N SER A 29 -20.57 -30.38 8.27
CA SER A 29 -19.60 -30.74 7.24
C SER A 29 -19.93 -29.98 5.98
N LEU A 30 -18.92 -29.76 5.14
CA LEU A 30 -19.13 -29.22 3.81
C LEU A 30 -18.41 -30.09 2.80
N LYS A 31 -18.13 -31.32 3.18
CA LYS A 31 -17.39 -32.23 2.32
C LYS A 31 -18.18 -32.35 1.01
N GLY A 32 -17.49 -32.32 -0.12
CA GLY A 32 -18.15 -32.39 -1.41
C GLY A 32 -18.92 -31.15 -1.84
N LYS A 33 -18.92 -30.08 -1.06
CA LYS A 33 -19.64 -28.86 -1.44
C LYS A 33 -18.67 -27.82 -1.98
N ARG A 34 -19.16 -26.98 -2.88
CA ARG A 34 -18.39 -25.82 -3.33
C ARG A 34 -19.10 -24.58 -2.82
N ILE A 35 -18.36 -23.71 -2.12
CA ILE A 35 -18.93 -22.49 -1.57
C ILE A 35 -18.30 -21.23 -2.18
N GLY A 36 -19.12 -20.42 -2.85
CA GLY A 36 -18.68 -19.16 -3.42
C GLY A 36 -18.50 -18.16 -2.30
N ILE A 37 -17.34 -17.51 -2.22
CA ILE A 37 -17.14 -16.49 -1.19
C ILE A 37 -16.74 -15.19 -1.84
N SER A 38 -17.63 -14.20 -1.81
CA SER A 38 -17.44 -12.93 -2.52
C SER A 38 -17.41 -11.76 -1.55
N THR A 39 -16.34 -10.95 -1.60
CA THR A 39 -16.24 -9.77 -0.73
C THR A 39 -16.10 -8.51 -1.58
N ALA A 40 -16.69 -7.39 -1.13
CA ALA A 40 -16.49 -6.13 -1.82
C ALA A 40 -15.00 -5.74 -1.84
N GLY A 41 -14.26 -6.03 -0.75
CA GLY A 41 -12.81 -5.79 -0.73
C GLY A 41 -12.15 -6.48 0.43
N THR A 42 -10.83 -6.28 0.56
CA THR A 42 -10.08 -6.75 1.72
C THR A 42 -9.07 -5.70 2.20
N ASP A 43 -9.34 -4.40 1.99
CA ASP A 43 -8.28 -3.41 2.10
C ASP A 43 -8.11 -2.86 3.52
N HIS A 44 -8.86 -3.38 4.48
CA HIS A 44 -8.60 -3.06 5.88
C HIS A 44 -9.10 -4.15 6.81
N PHE A 45 -8.92 -3.93 8.10
CA PHE A 45 -8.99 -4.97 9.12
C PHE A 45 -10.27 -5.79 9.09
N PHE A 46 -11.41 -5.13 9.16
CA PHE A 46 -12.66 -5.85 9.30
C PHE A 46 -12.84 -6.78 8.07
N ASP A 47 -12.64 -6.23 6.88
CA ASP A 47 -12.95 -6.94 5.67
C ASP A 47 -12.01 -8.13 5.45
N LEU A 48 -10.72 -7.91 5.63
CA LEU A 48 -9.72 -8.96 5.51
C LEU A 48 -10.01 -10.11 6.48
N GLN A 49 -10.27 -9.77 7.73
CA GLN A 49 -10.57 -10.78 8.77
C GLN A 49 -11.79 -11.68 8.47
N ALA A 50 -12.89 -11.05 8.10
CA ALA A 50 -14.12 -11.74 7.77
C ALA A 50 -13.97 -12.62 6.52
N TYR A 51 -13.33 -12.09 5.49
CA TYR A 51 -13.03 -12.82 4.29
C TYR A 51 -12.14 -14.02 4.57
N ASN A 52 -10.96 -13.82 5.17
CA ASN A 52 -10.09 -14.97 5.46
C ASN A 52 -10.72 -16.07 6.34
N ALA A 53 -11.50 -15.66 7.34
CA ALA A 53 -12.08 -16.61 8.26
C ALA A 53 -13.15 -17.44 7.58
N GLN A 54 -13.80 -16.90 6.56
CA GLN A 54 -14.77 -17.69 5.81
C GLN A 54 -14.02 -18.77 5.00
N ILE A 55 -12.98 -18.33 4.30
N ILE A 55 -12.97 -18.36 4.34
CA ILE A 55 -12.14 -19.23 3.53
CA ILE A 55 -12.20 -19.25 3.51
C ILE A 55 -11.69 -20.36 4.42
C ILE A 55 -11.67 -20.38 4.40
N ALA A 56 -11.06 -19.99 5.52
CA ALA A 56 -10.52 -20.93 6.48
C ALA A 56 -11.60 -21.92 6.91
N GLU A 57 -12.77 -21.41 7.25
CA GLU A 57 -13.82 -22.23 7.81
C GLU A 57 -14.38 -23.20 6.77
N VAL A 58 -14.50 -22.75 5.53
CA VAL A 58 -15.02 -23.65 4.52
C VAL A 58 -14.04 -24.80 4.38
N LYS A 59 -12.76 -24.47 4.32
CA LYS A 59 -11.72 -25.51 4.28
C LYS A 59 -11.79 -26.44 5.50
N ARG A 60 -11.99 -25.89 6.68
CA ARG A 60 -11.95 -26.70 7.90
C ARG A 60 -13.10 -27.69 7.90
N LEU A 61 -14.23 -27.29 7.32
CA LEU A 61 -15.37 -28.19 7.23
C LEU A 61 -15.30 -29.12 6.04
N GLY A 62 -14.19 -29.09 5.32
CA GLY A 62 -13.98 -29.99 4.18
C GLY A 62 -14.53 -29.56 2.83
N GLY A 63 -15.02 -28.33 2.73
CA GLY A 63 -15.63 -27.81 1.49
C GLY A 63 -14.56 -27.14 0.64
N GLU A 64 -14.94 -26.75 -0.57
CA GLU A 64 -14.02 -26.12 -1.50
C GLU A 64 -14.47 -24.69 -1.75
N PRO A 65 -13.68 -23.72 -1.26
CA PRO A 65 -14.09 -22.33 -1.46
C PRO A 65 -13.75 -21.79 -2.84
N LEU A 66 -14.64 -20.98 -3.39
CA LEU A 66 -14.36 -20.25 -4.61
C LEU A 66 -14.37 -18.80 -4.18
N ALA A 67 -13.20 -18.27 -3.87
CA ALA A 67 -13.10 -16.99 -3.18
C ALA A 67 -12.64 -15.88 -4.13
N VAL A 68 -13.46 -14.84 -4.18
CA VAL A 68 -13.32 -13.75 -5.12
C VAL A 68 -13.41 -12.43 -4.33
N ASP A 69 -12.39 -11.60 -4.56
CA ASP A 69 -12.25 -10.27 -3.99
C ASP A 69 -12.48 -9.17 -5.04
N ALA A 70 -13.40 -8.26 -4.77
CA ALA A 70 -13.69 -7.24 -5.77
C ALA A 70 -12.69 -6.07 -5.78
N GLY A 71 -11.78 -6.02 -4.82
CA GLY A 71 -10.82 -4.90 -4.72
C GLY A 71 -11.53 -3.54 -4.70
N ARG A 72 -12.76 -3.57 -4.21
CA ARG A 72 -13.57 -2.38 -3.98
C ARG A 72 -13.94 -1.66 -5.28
N SER A 73 -14.03 -2.43 -6.35
CA SER A 73 -14.63 -1.99 -7.58
C SER A 73 -16.07 -2.51 -7.65
N ASP A 74 -17.03 -1.65 -7.98
CA ASP A 74 -18.40 -2.12 -8.16
C ASP A 74 -18.51 -2.99 -9.41
N GLY A 75 -17.78 -2.64 -10.47
CA GLY A 75 -17.80 -3.42 -11.67
C GLY A 75 -17.26 -4.81 -11.47
N LYS A 76 -16.15 -4.93 -10.73
CA LYS A 76 -15.57 -6.25 -10.46
C LYS A 76 -16.50 -7.06 -9.53
N LEU A 77 -17.21 -6.37 -8.65
CA LEU A 77 -18.05 -7.07 -7.70
C LEU A 77 -19.21 -7.75 -8.45
N VAL A 78 -19.84 -6.97 -9.32
CA VAL A 78 -20.91 -7.52 -10.15
C VAL A 78 -20.36 -8.66 -11.02
N ALA A 79 -19.18 -8.44 -11.62
CA ALA A 79 -18.68 -9.39 -12.59
C ALA A 79 -18.32 -10.70 -11.92
N GLN A 80 -17.78 -10.64 -10.71
CA GLN A 80 -17.42 -11.87 -9.99
C GLN A 80 -18.65 -12.61 -9.45
N LEU A 81 -19.69 -11.90 -9.06
CA LEU A 81 -20.93 -12.61 -8.70
C LEU A 81 -21.55 -13.32 -9.89
N GLN A 82 -21.48 -12.72 -11.06
CA GLN A 82 -22.02 -13.35 -12.25
C GLN A 82 -21.28 -14.64 -12.52
N THR A 83 -19.97 -14.60 -12.37
CA THR A 83 -19.19 -15.77 -12.61
C THR A 83 -19.51 -16.84 -11.54
N LEU A 84 -19.60 -16.45 -10.27
CA LEU A 84 -19.99 -17.43 -9.24
C LEU A 84 -21.34 -18.07 -9.58
N ILE A 85 -22.26 -17.26 -10.09
CA ILE A 85 -23.58 -17.78 -10.47
C ILE A 85 -23.46 -18.82 -11.58
N ALA A 86 -22.66 -18.51 -12.59
CA ALA A 86 -22.43 -19.43 -13.71
C ALA A 86 -21.81 -20.72 -13.20
N GLN A 87 -21.16 -20.63 -12.05
CA GLN A 87 -20.49 -21.80 -11.50
C GLN A 87 -21.45 -22.70 -10.75
N LYS A 88 -22.66 -22.23 -10.42
CA LYS A 88 -23.61 -23.01 -9.64
C LYS A 88 -23.00 -23.80 -8.46
N PRO A 89 -22.34 -23.09 -7.57
CA PRO A 89 -21.87 -23.63 -6.30
C PRO A 89 -23.04 -23.98 -5.42
N ASP A 90 -22.78 -24.66 -4.31
CA ASP A 90 -23.82 -25.04 -3.38
C ASP A 90 -24.37 -23.90 -2.55
N ALA A 91 -23.60 -22.81 -2.44
CA ALA A 91 -24.08 -21.58 -1.83
C ALA A 91 -23.13 -20.43 -2.21
N ILE A 92 -23.63 -19.20 -2.09
CA ILE A 92 -22.76 -18.03 -2.21
C ILE A 92 -22.87 -17.18 -0.96
N VAL A 93 -21.74 -16.70 -0.42
CA VAL A 93 -21.79 -15.77 0.72
C VAL A 93 -21.21 -14.45 0.26
N GLN A 94 -21.96 -13.38 0.45
CA GLN A 94 -21.50 -12.05 0.03
C GLN A 94 -21.20 -11.20 1.25
N LEU A 95 -20.00 -10.67 1.25
CA LEU A 95 -19.50 -9.85 2.35
C LEU A 95 -19.45 -8.36 1.94
N LEU A 96 -20.28 -7.57 2.61
CA LEU A 96 -20.31 -6.13 2.44
C LEU A 96 -20.69 -5.75 1.01
N GLY A 97 -20.55 -4.47 0.72
CA GLY A 97 -20.98 -3.95 -0.55
C GLY A 97 -22.21 -3.08 -0.36
N THR A 98 -22.42 -2.19 -1.33
CA THR A 98 -23.56 -1.33 -1.33
C THR A 98 -24.77 -2.15 -1.80
N LEU A 99 -25.83 -2.13 -1.00
CA LEU A 99 -26.97 -2.99 -1.20
C LEU A 99 -27.57 -2.85 -2.60
N THR A 100 -27.79 -1.61 -3.07
CA THR A 100 -28.35 -1.46 -4.41
C THR A 100 -27.43 -2.00 -5.50
N VAL A 101 -26.12 -2.03 -5.29
CA VAL A 101 -25.22 -2.56 -6.30
C VAL A 101 -25.34 -4.07 -6.45
N ILE A 102 -25.33 -4.74 -5.32
CA ILE A 102 -25.28 -6.20 -5.35
C ILE A 102 -26.67 -6.86 -5.41
N ASP A 103 -27.70 -6.18 -4.92
CA ASP A 103 -29.00 -6.85 -4.75
C ASP A 103 -29.51 -7.54 -6.02
N PRO A 104 -29.37 -6.90 -7.19
CA PRO A 104 -29.86 -7.63 -8.37
C PRO A 104 -29.16 -8.96 -8.59
N TRP A 105 -27.93 -9.04 -8.13
CA TRP A 105 -27.14 -10.24 -8.40
C TRP A 105 -27.39 -11.28 -7.35
N LEU A 106 -27.62 -10.85 -6.13
CA LEU A 106 -28.03 -11.78 -5.09
C LEU A 106 -29.40 -12.38 -5.51
N LYS A 107 -30.27 -11.55 -6.07
CA LYS A 107 -31.58 -12.05 -6.53
C LYS A 107 -31.40 -13.10 -7.66
N ARG A 108 -30.57 -12.77 -8.64
CA ARG A 108 -30.28 -13.64 -9.75
C ARG A 108 -29.77 -14.98 -9.24
N ALA A 109 -28.92 -14.95 -8.23
CA ALA A 109 -28.34 -16.18 -7.69
C ALA A 109 -29.47 -17.09 -7.11
N ARG A 110 -30.29 -16.52 -6.26
CA ARG A 110 -31.45 -17.22 -5.71
C ARG A 110 -32.35 -17.81 -6.83
N ASP A 111 -32.61 -16.98 -7.84
CA ASP A 111 -33.49 -17.34 -8.95
C ASP A 111 -32.83 -18.51 -9.70
N ALA A 112 -31.51 -18.56 -9.68
CA ALA A 112 -30.77 -19.63 -10.31
C ALA A 112 -30.67 -20.90 -9.46
N GLY A 113 -31.28 -20.88 -8.29
CA GLY A 113 -31.33 -22.07 -7.46
C GLY A 113 -30.25 -22.08 -6.39
N ILE A 114 -29.54 -20.97 -6.23
CA ILE A 114 -28.37 -20.93 -5.34
C ILE A 114 -28.70 -20.20 -4.06
N PRO A 115 -28.60 -20.91 -2.92
CA PRO A 115 -28.71 -20.33 -1.60
C PRO A 115 -27.69 -19.17 -1.42
N VAL A 116 -28.19 -18.04 -0.92
CA VAL A 116 -27.37 -16.87 -0.67
C VAL A 116 -27.40 -16.55 0.80
N LEU A 117 -26.22 -16.41 1.40
CA LEU A 117 -26.08 -15.81 2.73
C LEU A 117 -25.22 -14.56 2.64
N THR A 118 -25.32 -13.70 3.64
CA THR A 118 -24.49 -12.50 3.63
C THR A 118 -23.81 -12.21 4.96
N ILE A 119 -22.82 -11.33 4.90
CA ILE A 119 -22.25 -10.66 6.07
C ILE A 119 -22.37 -9.15 5.84
N ASP A 120 -23.04 -8.49 6.77
CA ASP A 120 -23.29 -7.05 6.70
C ASP A 120 -24.02 -6.65 5.42
N VAL A 121 -25.03 -7.43 5.02
CA VAL A 121 -25.88 -7.03 3.90
C VAL A 121 -27.32 -7.44 4.19
N GLY A 122 -28.20 -6.46 4.42
CA GLY A 122 -29.57 -6.73 4.79
C GLY A 122 -30.44 -6.86 3.54
N SER A 123 -30.19 -7.92 2.80
CA SER A 123 -30.90 -8.17 1.58
C SER A 123 -32.11 -9.06 1.81
N SER A 124 -33.21 -8.75 1.14
CA SER A 124 -34.35 -9.63 1.03
C SER A 124 -34.03 -10.98 0.40
N HIS A 125 -32.94 -11.00 -0.35
CA HIS A 125 -32.56 -12.17 -1.15
C HIS A 125 -31.57 -13.03 -0.40
N SER A 126 -31.15 -12.54 0.76
CA SER A 126 -30.29 -13.34 1.59
C SER A 126 -31.13 -14.19 2.51
N LEU A 127 -30.73 -15.45 2.72
CA LEU A 127 -31.37 -16.35 3.71
C LEU A 127 -30.91 -16.05 5.13
N ASN A 128 -29.75 -15.43 5.25
CA ASN A 128 -29.25 -15.16 6.57
C ASN A 128 -28.10 -14.15 6.51
N ASN A 129 -28.24 -13.10 7.31
CA ASN A 129 -27.27 -11.99 7.35
C ASN A 129 -26.59 -12.07 8.70
N SER A 130 -25.29 -12.43 8.67
CA SER A 130 -24.43 -12.36 9.84
C SER A 130 -23.90 -10.94 10.00
N THR A 131 -24.15 -10.35 11.16
CA THR A 131 -23.93 -8.94 11.33
C THR A 131 -23.95 -8.68 12.82
N SER A 132 -23.25 -7.64 13.27
CA SER A 132 -23.46 -7.18 14.65
C SER A 132 -24.89 -6.66 14.73
N ASP A 133 -25.41 -6.49 15.95
CA ASP A 133 -26.66 -5.78 16.15
C ASP A 133 -26.31 -4.30 16.09
N ASN A 134 -26.43 -3.75 14.89
CA ASN A 134 -26.02 -2.39 14.63
C ASN A 134 -26.91 -1.31 15.22
N TRP A 135 -28.11 -1.67 15.63
CA TRP A 135 -28.92 -0.73 16.38
C TRP A 135 -28.28 -0.49 17.75
N GLY A 136 -27.86 -1.57 18.38
CA GLY A 136 -27.14 -1.52 19.66
C GLY A 136 -25.84 -0.75 19.51
N ILE A 137 -25.03 -1.12 18.51
CA ILE A 137 -23.78 -0.43 18.25
C ILE A 137 -23.99 1.07 18.09
N GLY A 138 -24.91 1.44 17.20
CA GLY A 138 -25.04 2.82 16.82
C GLY A 138 -25.57 3.63 17.97
N LYS A 139 -26.52 3.07 18.73
CA LYS A 139 -27.05 3.78 19.88
C LYS A 139 -26.00 3.95 21.02
N ASP A 140 -25.27 2.88 21.28
CA ASP A 140 -24.27 2.92 22.30
C ASP A 140 -23.18 3.93 21.96
N LEU A 141 -22.72 3.94 20.71
CA LEU A 141 -21.70 4.90 20.32
C LEU A 141 -22.26 6.33 20.47
N ALA A 142 -23.47 6.55 20.01
CA ALA A 142 -24.04 7.88 20.04
C ALA A 142 -24.21 8.37 21.49
N LEU A 143 -24.67 7.49 22.37
CA LEU A 143 -24.88 7.89 23.76
C LEU A 143 -23.54 8.23 24.42
N GLN A 144 -22.52 7.47 24.05
CA GLN A 144 -21.19 7.74 24.57
C GLN A 144 -20.74 9.12 24.10
N LEU A 145 -20.95 9.38 22.81
CA LEU A 145 -20.57 10.64 22.21
C LEU A 145 -21.25 11.79 22.95
N VAL A 146 -22.57 11.70 23.10
CA VAL A 146 -23.38 12.76 23.74
C VAL A 146 -22.93 12.99 25.20
N SER A 147 -22.92 11.93 25.99
CA SER A 147 -22.37 12.02 27.35
C SER A 147 -20.99 12.71 27.34
N ASP A 148 -20.10 12.27 26.47
CA ASP A 148 -18.74 12.80 26.40
C ASP A 148 -18.66 14.30 26.17
N ILE A 149 -19.58 14.82 25.35
CA ILE A 149 -19.51 16.24 25.00
C ILE A 149 -20.49 17.08 25.82
N GLY A 150 -21.01 16.51 26.90
CA GLY A 150 -21.86 17.27 27.78
C GLY A 150 -23.23 17.58 27.23
N GLY A 151 -23.65 16.85 26.18
CA GLY A 151 -24.99 17.00 25.71
C GLY A 151 -25.13 18.24 24.85
N GLU A 152 -24.00 18.76 24.37
CA GLU A 152 -24.00 20.03 23.66
C GLU A 152 -22.76 20.17 22.78
N GLY A 153 -22.94 20.66 21.57
CA GLY A 153 -21.83 20.94 20.67
C GLY A 153 -21.98 20.39 19.25
N ASN A 154 -20.99 20.71 18.43
CA ASN A 154 -21.03 20.43 17.01
C ASN A 154 -20.22 19.20 16.67
N VAL A 155 -20.79 18.37 15.80
CA VAL A 155 -20.23 17.08 15.43
C VAL A 155 -20.02 17.00 13.94
N VAL A 156 -18.78 16.68 13.56
CA VAL A 156 -18.48 16.43 12.17
C VAL A 156 -18.75 14.96 11.94
N VAL A 157 -19.45 14.67 10.85
CA VAL A 157 -19.93 13.33 10.62
C VAL A 157 -19.40 12.86 9.28
N PHE A 158 -18.80 11.68 9.24
CA PHE A 158 -18.44 11.00 7.98
C PHE A 158 -19.56 10.01 7.69
N ASN A 159 -20.23 10.18 6.55
CA ASN A 159 -21.39 9.35 6.22
C ASN A 159 -21.35 9.02 4.74
N GLY A 160 -20.28 8.34 4.32
CA GLY A 160 -20.04 8.06 2.91
C GLY A 160 -20.42 6.65 2.48
N PHE A 161 -20.92 5.86 3.42
CA PHE A 161 -21.30 4.49 3.09
C PHE A 161 -22.72 4.16 3.56
N TYR A 162 -23.60 5.14 3.38
CA TYR A 162 -24.99 5.03 3.80
C TYR A 162 -25.73 3.92 3.02
N GLY A 163 -25.19 3.52 1.88
CA GLY A 163 -25.78 2.45 1.08
C GLY A 163 -25.42 1.05 1.60
N VAL A 164 -24.65 1.00 2.68
CA VAL A 164 -24.16 -0.27 3.22
C VAL A 164 -24.90 -0.51 4.50
N THR A 165 -25.61 -1.64 4.59
CA THR A 165 -26.52 -1.85 5.72
C THR A 165 -26.02 -1.46 7.11
N PRO A 166 -24.88 -2.02 7.58
CA PRO A 166 -24.50 -1.68 8.96
C PRO A 166 -24.15 -0.22 9.19
N CYS A 167 -23.58 0.44 8.18
CA CYS A 167 -23.32 1.88 8.29
C CYS A 167 -24.60 2.73 8.30
N ALA A 168 -25.57 2.36 7.46
CA ALA A 168 -26.83 3.07 7.46
C ALA A 168 -27.45 2.99 8.85
N ILE A 169 -27.43 1.81 9.42
CA ILE A 169 -28.06 1.65 10.74
C ILE A 169 -27.31 2.49 11.78
N ARG A 170 -25.98 2.47 11.72
CA ARG A 170 -25.21 3.21 12.70
C ARG A 170 -25.51 4.70 12.57
N TYR A 171 -25.61 5.20 11.34
CA TYR A 171 -25.90 6.61 11.14
C TYR A 171 -27.30 6.94 11.64
N ASP A 172 -28.28 6.12 11.25
CA ASP A 172 -29.66 6.33 11.71
C ASP A 172 -29.74 6.43 13.24
N GLN A 173 -28.95 5.61 13.92
CA GLN A 173 -29.00 5.61 15.37
C GLN A 173 -28.37 6.88 15.95
N LEU A 174 -27.32 7.38 15.31
CA LEU A 174 -26.73 8.64 15.72
C LEU A 174 -27.79 9.71 15.59
N VAL A 175 -28.42 9.74 14.42
CA VAL A 175 -29.41 10.77 14.17
C VAL A 175 -30.46 10.66 15.28
N ASN A 176 -30.86 9.44 15.58
CA ASN A 176 -31.98 9.27 16.45
C ASN A 176 -31.67 9.53 17.90
N VAL A 177 -30.43 9.27 18.29
CA VAL A 177 -30.02 9.57 19.64
C VAL A 177 -29.98 11.08 19.80
N ILE A 178 -29.32 11.81 18.89
CA ILE A 178 -29.14 13.25 19.11
C ILE A 178 -30.44 14.05 18.91
N LYS A 179 -31.39 13.50 18.16
CA LYS A 179 -32.71 14.08 18.15
C LYS A 179 -33.25 14.47 19.55
N TYR A 180 -32.89 13.70 20.58
CA TYR A 180 -33.37 13.91 21.94
C TYR A 180 -32.36 14.62 22.86
N PHE A 181 -31.32 15.18 22.23
CA PHE A 181 -30.31 16.05 22.83
C PHE A 181 -30.01 17.16 21.81
N PRO A 182 -30.97 18.08 21.63
CA PRO A 182 -31.01 19.00 20.49
C PRO A 182 -29.97 20.13 20.52
N LYS A 183 -29.15 20.22 21.57
CA LYS A 183 -27.99 21.12 21.55
C LYS A 183 -26.80 20.46 20.85
N VAL A 184 -26.97 19.18 20.50
CA VAL A 184 -26.01 18.46 19.67
C VAL A 184 -26.40 18.57 18.20
N LYS A 185 -25.46 19.02 17.39
CA LYS A 185 -25.75 19.28 15.98
C LYS A 185 -24.70 18.66 15.11
N ILE A 186 -25.15 18.14 14.00
CA ILE A 186 -24.26 17.64 12.97
C ILE A 186 -23.95 18.81 12.05
N ILE A 187 -22.66 19.04 11.88
CA ILE A 187 -22.20 20.15 11.05
C ILE A 187 -22.52 19.90 9.60
N GLN A 188 -22.97 20.94 8.93
CA GLN A 188 -23.49 20.79 7.57
C GLN A 188 -22.44 21.04 6.50
N PRO A 189 -22.65 20.34 5.40
CA PRO A 189 -22.02 19.31 4.58
C PRO A 189 -21.48 18.22 5.51
N GLU A 190 -22.19 17.10 5.63
CA GLU A 190 -21.62 15.89 6.20
C GLU A 190 -20.46 15.58 5.28
N LEU A 191 -19.44 14.89 5.80
CA LEU A 191 -18.32 14.51 4.95
C LEU A 191 -18.55 13.13 4.37
N ARG A 192 -17.90 12.85 3.25
CA ARG A 192 -17.99 11.54 2.67
C ARG A 192 -16.64 10.85 2.73
N ASP A 193 -16.55 9.85 3.63
CA ASP A 193 -15.34 9.06 3.73
C ASP A 193 -15.24 8.22 2.50
N VAL A 194 -14.03 7.72 2.23
CA VAL A 194 -13.83 6.94 1.01
C VAL A 194 -13.06 5.66 1.25
N ILE A 195 -13.14 4.76 0.28
CA ILE A 195 -12.25 3.61 0.20
C ILE A 195 -11.89 3.44 -1.25
N PRO A 196 -10.62 3.20 -1.56
CA PRO A 196 -9.48 3.13 -0.62
C PRO A 196 -8.87 4.53 -0.34
N ASN A 197 -7.61 4.62 0.11
CA ASN A 197 -7.04 5.92 0.49
C ASN A 197 -7.78 6.52 1.68
N THR A 198 -8.39 5.66 2.48
CA THR A 198 -9.32 6.15 3.49
C THR A 198 -8.63 7.10 4.49
N VAL A 199 -7.48 6.67 5.04
CA VAL A 199 -6.78 7.43 6.08
C VAL A 199 -6.32 8.83 5.57
N GLN A 200 -5.59 8.84 4.45
CA GLN A 200 -5.05 10.06 3.90
C GLN A 200 -6.15 11.06 3.57
N ASP A 201 -7.25 10.53 3.04
CA ASP A 201 -8.41 11.33 2.67
C ASP A 201 -9.13 11.90 3.89
N ALA A 202 -9.30 11.07 4.93
CA ALA A 202 -10.00 11.50 6.12
C ALA A 202 -9.15 12.57 6.83
N PHE A 203 -7.86 12.34 6.89
CA PHE A 203 -6.92 13.33 7.40
C PHE A 203 -7.07 14.72 6.70
N ALA A 204 -7.11 14.70 5.37
CA ALA A 204 -7.22 15.93 4.57
C ALA A 204 -8.56 16.64 4.79
N GLN A 205 -9.65 15.87 4.80
CA GLN A 205 -10.98 16.45 5.01
C GLN A 205 -11.12 17.08 6.39
N VAL A 206 -10.67 16.37 7.42
CA VAL A 206 -10.70 16.92 8.76
C VAL A 206 -9.76 18.13 8.83
N THR A 207 -8.56 18.01 8.28
CA THR A 207 -7.65 19.18 8.29
C THR A 207 -8.35 20.38 7.65
N ALA A 208 -9.02 20.19 6.53
CA ALA A 208 -9.62 21.34 5.89
C ALA A 208 -10.79 21.85 6.73
N ILE A 209 -11.51 20.96 7.42
CA ILE A 209 -12.68 21.42 8.18
C ILE A 209 -12.28 22.15 9.46
N LEU A 210 -11.18 21.73 10.09
CA LEU A 210 -10.65 22.44 11.24
C LEU A 210 -10.31 23.89 10.88
N ASN A 211 -9.97 24.15 9.63
CA ASN A 211 -9.61 25.51 9.19
C ASN A 211 -10.85 26.38 8.96
N LYS A 212 -11.98 25.74 8.68
CA LYS A 212 -13.26 26.44 8.60
C LYS A 212 -13.77 26.83 9.98
N TYR A 213 -13.42 26.02 10.99
CA TYR A 213 -13.90 26.21 12.35
C TYR A 213 -12.70 26.30 13.30
N PRO A 214 -11.90 27.37 13.16
CA PRO A 214 -10.66 27.53 13.93
C PRO A 214 -10.86 27.79 15.43
N GLU A 215 -12.04 28.29 15.82
CA GLU A 215 -12.25 28.63 17.21
C GLU A 215 -12.39 27.38 18.09
N LYS A 216 -11.58 27.33 19.14
CA LYS A 216 -11.58 26.21 20.06
C LYS A 216 -12.98 26.02 20.67
N GLY A 217 -13.51 24.81 20.55
CA GLY A 217 -14.84 24.52 21.05
C GLY A 217 -15.94 24.55 20.00
N SER A 218 -15.68 25.04 18.80
CA SER A 218 -16.72 25.10 17.77
C SER A 218 -16.97 23.74 17.08
N ILE A 219 -16.09 22.79 17.35
CA ILE A 219 -16.32 21.38 17.01
C ILE A 219 -15.98 20.60 18.28
N LYS A 220 -16.78 19.58 18.62
CA LYS A 220 -16.52 18.83 19.84
C LYS A 220 -16.27 17.36 19.56
N ALA A 221 -16.81 16.86 18.44
CA ALA A 221 -16.63 15.47 18.09
C ALA A 221 -16.60 15.24 16.57
N ILE A 222 -16.03 14.09 16.20
CA ILE A 222 -16.07 13.61 14.84
C ILE A 222 -16.48 12.15 14.87
N TRP A 223 -17.56 11.86 14.16
CA TRP A 223 -18.17 10.55 14.14
C TRP A 223 -17.98 9.90 12.78
N SER A 224 -17.78 8.60 12.80
CA SER A 224 -17.68 7.80 11.59
C SER A 224 -18.33 6.45 11.87
N ALA A 225 -18.75 5.77 10.82
CA ALA A 225 -19.51 4.54 10.97
C ALA A 225 -18.60 3.32 11.13
N TRP A 226 -17.32 3.53 10.80
CA TRP A 226 -16.27 2.53 10.96
C TRP A 226 -14.99 3.30 11.27
N ASP A 227 -13.92 2.61 11.64
CA ASP A 227 -12.88 3.28 12.39
C ASP A 227 -11.61 3.71 11.62
N ILE A 228 -11.52 3.36 10.33
CA ILE A 228 -10.38 3.79 9.54
C ILE A 228 -10.44 5.30 9.21
N PRO A 229 -11.63 5.84 8.88
CA PRO A 229 -11.70 7.31 8.78
C PRO A 229 -11.43 7.94 10.16
N GLN A 230 -11.92 7.28 11.20
CA GLN A 230 -11.62 7.73 12.56
C GLN A 230 -10.12 7.90 12.74
N LEU A 231 -9.35 6.92 12.28
CA LEU A 231 -7.88 6.96 12.38
C LEU A 231 -7.31 8.21 11.69
N GLY A 232 -7.70 8.45 10.43
CA GLY A 232 -7.37 9.69 9.76
C GLY A 232 -7.75 10.95 10.53
N ALA A 233 -9.00 11.01 10.97
CA ALA A 233 -9.53 12.09 11.80
C ALA A 233 -8.64 12.38 13.01
N THR A 234 -8.34 11.33 13.77
CA THR A 234 -7.61 11.44 15.01
C THR A 234 -6.23 12.04 14.75
N GLN A 235 -5.54 11.48 13.76
CA GLN A 235 -4.27 12.02 13.35
C GLN A 235 -4.36 13.50 12.98
N ALA A 236 -5.39 13.89 12.23
CA ALA A 236 -5.47 15.29 11.78
C ALA A 236 -5.65 16.19 13.00
N LEU A 237 -6.38 15.73 14.02
CA LEU A 237 -6.53 16.52 15.23
C LEU A 237 -5.17 16.77 15.91
N ALA A 238 -4.35 15.72 16.00
CA ALA A 238 -3.06 15.85 16.67
C ALA A 238 -2.16 16.82 15.89
N ALA A 239 -2.06 16.56 14.59
CA ALA A 239 -1.30 17.42 13.68
C ALA A 239 -1.70 18.90 13.78
N ALA A 240 -3.00 19.16 13.90
CA ALA A 240 -3.51 20.53 13.92
C ALA A 240 -3.50 21.23 15.29
N GLY A 241 -3.11 20.52 16.36
CA GLY A 241 -3.24 21.05 17.72
C GLY A 241 -4.67 21.24 18.22
N ARG A 242 -5.58 20.37 17.81
CA ARG A 242 -7.00 20.47 18.16
C ARG A 242 -7.51 19.19 18.82
N THR A 243 -6.87 18.79 19.91
CA THR A 243 -7.16 17.51 20.50
C THR A 243 -8.19 17.65 21.60
N GLU A 244 -8.75 18.85 21.75
CA GLU A 244 -9.93 19.00 22.57
C GLU A 244 -11.07 18.22 21.89
N ILE A 245 -10.96 18.08 20.58
CA ILE A 245 -11.99 17.37 19.79
C ILE A 245 -11.90 15.86 19.98
N LYS A 246 -13.03 15.19 20.19
CA LYS A 246 -13.06 13.73 20.43
C LYS A 246 -13.53 12.96 19.20
N THR A 247 -12.95 11.79 18.95
CA THR A 247 -13.37 10.99 17.80
C THR A 247 -14.04 9.67 18.19
N TYR A 248 -14.86 9.16 17.26
CA TYR A 248 -15.74 8.03 17.54
C TYR A 248 -15.85 7.12 16.32
N GLY A 249 -15.89 5.81 16.54
CA GLY A 249 -16.03 4.88 15.44
C GLY A 249 -16.34 3.43 15.82
N VAL A 250 -16.26 2.57 14.81
CA VAL A 250 -16.63 1.18 14.96
C VAL A 250 -15.66 0.28 14.20
N ASP A 251 -15.51 -0.94 14.73
CA ASP A 251 -14.77 -2.09 14.17
C ASP A 251 -13.75 -2.65 15.18
N GLY A 252 -13.14 -1.76 15.98
CA GLY A 252 -12.02 -2.14 16.81
C GLY A 252 -10.83 -2.69 16.03
N SER A 253 -10.44 -2.00 14.97
CA SER A 253 -9.17 -2.33 14.33
C SER A 253 -8.08 -2.09 15.39
N PRO A 254 -7.05 -2.93 15.41
CA PRO A 254 -6.02 -2.81 16.46
C PRO A 254 -5.35 -1.44 16.49
N GLU A 255 -5.01 -0.94 15.32
CA GLU A 255 -4.33 0.34 15.25
C GLU A 255 -5.16 1.48 15.87
N VAL A 256 -6.48 1.37 15.87
CA VAL A 256 -7.34 2.43 16.45
C VAL A 256 -7.63 2.23 17.93
N LEU A 257 -7.84 0.97 18.32
CA LEU A 257 -7.97 0.61 19.74
C LEU A 257 -6.79 1.12 20.55
N GLN A 258 -5.59 0.99 19.99
CA GLN A 258 -4.40 1.46 20.68
C GLN A 258 -4.33 2.97 20.75
N LEU A 259 -5.04 3.68 19.87
CA LEU A 259 -5.23 5.12 20.03
C LEU A 259 -6.19 5.43 21.18
N VAL A 260 -7.32 4.70 21.23
CA VAL A 260 -8.27 4.87 22.31
C VAL A 260 -7.56 4.67 23.66
N ALA A 261 -6.58 3.77 23.71
CA ALA A 261 -5.90 3.44 24.97
C ALA A 261 -4.88 4.52 25.39
N ASP A 262 -4.50 5.36 24.46
CA ASP A 262 -3.51 6.40 24.72
C ASP A 262 -4.21 7.65 25.27
N PRO A 263 -3.93 8.01 26.54
CA PRO A 263 -4.65 9.15 27.14
C PRO A 263 -4.48 10.46 26.36
N ALA A 264 -3.40 10.57 25.62
CA ALA A 264 -3.06 11.81 24.92
C ALA A 264 -3.68 11.86 23.51
N SER A 265 -4.38 10.80 23.14
CA SER A 265 -5.09 10.74 21.86
C SER A 265 -6.55 11.15 22.00
N PRO A 266 -7.03 11.97 21.05
CA PRO A 266 -8.45 12.36 21.06
C PRO A 266 -9.42 11.23 20.65
N ALA A 267 -8.90 10.06 20.29
CA ALA A 267 -9.76 8.92 20.00
C ALA A 267 -10.46 8.48 21.28
N ALA A 268 -11.78 8.61 21.29
CA ALA A 268 -12.53 8.51 22.55
C ALA A 268 -13.27 7.18 22.74
N ALA A 269 -13.76 6.61 21.65
CA ALA A 269 -14.55 5.39 21.69
C ALA A 269 -14.56 4.70 20.32
N ASP A 270 -14.52 3.36 20.34
CA ASP A 270 -14.53 2.56 19.12
C ASP A 270 -15.26 1.30 19.51
N VAL A 271 -16.39 1.04 18.88
CA VAL A 271 -17.10 -0.22 19.19
C VAL A 271 -16.46 -1.38 18.43
N ALA A 272 -15.86 -2.28 19.17
CA ALA A 272 -15.17 -3.39 18.54
C ALA A 272 -16.19 -4.40 18.04
N GLN A 273 -15.95 -4.82 16.81
CA GLN A 273 -16.64 -5.96 16.23
C GLN A 273 -15.76 -7.18 16.22
N GLN A 274 -16.34 -8.29 15.77
CA GLN A 274 -15.67 -9.59 15.73
C GLN A 274 -15.77 -10.19 14.32
N PRO A 275 -15.00 -9.64 13.39
CA PRO A 275 -15.10 -10.05 11.99
C PRO A 275 -14.69 -11.51 11.75
N ALA A 276 -13.67 -12.00 12.42
CA ALA A 276 -13.35 -13.40 12.21
C ALA A 276 -14.55 -14.27 12.68
N GLU A 277 -15.15 -13.93 13.82
CA GLU A 277 -16.34 -14.66 14.27
C GLU A 277 -17.50 -14.55 13.28
N LEU A 278 -17.75 -13.35 12.76
CA LEU A 278 -18.80 -13.19 11.78
C LEU A 278 -18.59 -14.10 10.57
N GLY A 279 -17.38 -14.12 10.04
CA GLY A 279 -17.08 -14.99 8.90
C GLY A 279 -17.30 -16.47 9.21
N ARG A 280 -16.83 -16.93 10.36
CA ARG A 280 -17.07 -18.33 10.76
C ARG A 280 -18.54 -18.62 10.93
N GLN A 281 -19.26 -17.69 11.53
CA GLN A 281 -20.69 -17.89 11.68
C GLN A 281 -21.36 -18.07 10.34
N ALA A 282 -21.02 -17.21 9.39
CA ALA A 282 -21.66 -17.29 8.07
C ALA A 282 -21.50 -18.72 7.52
N ILE A 283 -20.27 -19.25 7.55
CA ILE A 283 -20.00 -20.58 7.02
C ILE A 283 -20.65 -21.69 7.87
N GLN A 284 -20.64 -21.54 9.18
CA GLN A 284 -21.38 -22.43 10.05
C GLN A 284 -22.83 -22.46 9.55
N ASN A 285 -23.39 -21.27 9.26
CA ASN A 285 -24.78 -21.20 8.88
C ASN A 285 -25.03 -21.79 7.49
N VAL A 286 -24.04 -21.68 6.59
CA VAL A 286 -24.16 -22.36 5.32
C VAL A 286 -24.28 -23.89 5.51
N ALA A 287 -23.37 -24.47 6.29
CA ALA A 287 -23.43 -25.90 6.59
C ALA A 287 -24.79 -26.28 7.19
N LEU A 288 -25.20 -25.60 8.26
CA LEU A 288 -26.54 -25.80 8.80
C LEU A 288 -27.65 -25.76 7.72
N LEU A 289 -27.64 -24.74 6.88
CA LEU A 289 -28.62 -24.69 5.79
C LEU A 289 -28.57 -25.92 4.88
N LEU A 290 -27.38 -26.28 4.41
CA LEU A 290 -27.30 -27.40 3.48
C LEU A 290 -27.66 -28.74 4.16
N SER A 291 -27.47 -28.83 5.47
CA SER A 291 -27.88 -30.04 6.18
C SER A 291 -29.40 -30.13 6.38
N GLY A 292 -30.14 -29.09 5.97
CA GLY A 292 -31.61 -29.12 6.02
C GLY A 292 -32.28 -28.11 6.97
N LYS A 293 -31.49 -27.49 7.83
CA LYS A 293 -32.10 -26.60 8.85
C LYS A 293 -32.49 -25.28 8.23
N THR A 294 -33.49 -24.64 8.84
CA THR A 294 -33.93 -23.32 8.41
C THR A 294 -33.26 -22.28 9.30
N LEU A 295 -32.77 -21.21 8.68
CA LEU A 295 -32.01 -20.20 9.39
C LEU A 295 -32.88 -19.04 9.75
N PRO A 296 -32.57 -18.40 10.87
CA PRO A 296 -33.11 -17.06 11.15
C PRO A 296 -32.63 -16.10 10.08
N ARG A 297 -33.37 -15.03 9.81
CA ARG A 297 -32.97 -14.07 8.78
C ARG A 297 -31.68 -13.33 9.15
N GLU A 298 -31.46 -13.09 10.44
CA GLU A 298 -30.20 -12.43 10.82
C GLU A 298 -29.64 -13.21 11.99
N SER A 299 -28.30 -13.18 12.13
CA SER A 299 -27.58 -13.83 13.23
C SER A 299 -26.60 -12.81 13.78
N TYR A 300 -26.79 -12.37 15.03
CA TYR A 300 -26.01 -11.28 15.58
C TYR A 300 -24.85 -11.76 16.38
N VAL A 301 -23.69 -11.17 16.11
CA VAL A 301 -22.49 -11.47 16.86
C VAL A 301 -22.21 -10.28 17.76
N PRO A 302 -21.93 -10.55 19.05
CA PRO A 302 -21.81 -9.44 19.97
C PRO A 302 -20.68 -8.48 19.57
N ALA A 303 -20.84 -7.22 19.97
CA ALA A 303 -19.83 -6.17 19.76
C ALA A 303 -19.51 -5.55 21.09
N LEU A 304 -18.35 -4.92 21.22
CA LEU A 304 -17.92 -4.42 22.52
C LEU A 304 -17.46 -2.96 22.49
N LEU A 305 -18.19 -2.07 23.15
CA LEU A 305 -17.80 -0.67 23.16
C LEU A 305 -16.52 -0.49 23.98
N ALA A 306 -15.47 -0.04 23.30
CA ALA A 306 -14.22 0.34 23.97
C ALA A 306 -14.10 1.88 24.04
N ASN A 307 -14.04 2.40 25.27
CA ASN A 307 -13.72 3.80 25.48
C ASN A 307 -12.37 3.85 26.21
N LYS A 308 -11.94 5.02 26.65
CA LYS A 308 -10.61 5.11 27.23
C LYS A 308 -10.49 4.27 28.52
N GLN A 309 -11.58 4.09 29.25
CA GLN A 309 -11.58 3.19 30.41
C GLN A 309 -11.68 1.69 30.06
N THR A 310 -12.50 1.34 29.08
CA THR A 310 -12.77 -0.07 28.84
C THR A 310 -11.88 -0.74 27.79
N VAL A 311 -11.03 0.02 27.10
CA VAL A 311 -10.31 -0.56 25.97
C VAL A 311 -9.43 -1.75 26.39
N ASN A 312 -8.74 -1.67 27.52
CA ASN A 312 -7.97 -2.81 27.98
C ASN A 312 -8.82 -4.08 28.07
N GLU A 313 -9.93 -4.04 28.78
CA GLU A 313 -10.69 -5.27 28.93
C GLU A 313 -11.34 -5.68 27.62
N VAL A 314 -11.66 -4.72 26.76
CA VAL A 314 -12.11 -5.05 25.40
C VAL A 314 -10.97 -5.66 24.58
N THR A 315 -9.79 -5.03 24.58
CA THR A 315 -8.68 -5.51 23.78
C THR A 315 -8.28 -6.92 24.18
N ARG A 316 -8.37 -7.21 25.48
CA ARG A 316 -8.03 -8.56 25.97
C ARG A 316 -9.03 -9.67 25.58
N LYS A 317 -10.31 -9.34 25.57
CA LYS A 317 -11.34 -10.28 25.12
C LYS A 317 -11.25 -10.59 23.61
N LEU A 318 -10.60 -9.72 22.83
CA LEU A 318 -10.39 -9.96 21.41
C LEU A 318 -9.11 -10.75 21.10
N GLY A 319 -8.10 -10.66 21.97
CA GLY A 319 -6.86 -11.37 21.75
C GLY A 319 -6.83 -12.78 22.31
N SER B 29 46.01 -5.09 -8.87
CA SER B 29 45.99 -6.36 -8.14
C SER B 29 45.50 -6.19 -6.69
N LEU B 30 44.85 -7.22 -6.14
CA LEU B 30 44.37 -7.27 -4.75
C LEU B 30 45.00 -8.43 -4.00
N LYS B 31 46.20 -8.83 -4.44
CA LYS B 31 46.75 -10.15 -4.13
C LYS B 31 46.58 -10.64 -2.70
N GLY B 32 46.60 -9.75 -1.70
CA GLY B 32 46.49 -10.21 -0.33
C GLY B 32 45.54 -9.44 0.57
N LYS B 33 44.53 -8.80 -0.03
CA LYS B 33 43.62 -7.90 0.69
C LYS B 33 42.29 -8.56 0.97
N ARG B 34 41.61 -8.12 2.02
CA ARG B 34 40.21 -8.45 2.25
C ARG B 34 39.27 -7.24 1.97
N ILE B 35 38.34 -7.40 1.03
CA ILE B 35 37.46 -6.30 0.62
C ILE B 35 36.00 -6.53 1.05
N GLY B 36 35.50 -5.70 1.96
CA GLY B 36 34.09 -5.81 2.31
C GLY B 36 33.23 -5.43 1.12
N ILE B 37 32.18 -6.23 0.86
CA ILE B 37 31.15 -5.92 -0.15
C ILE B 37 29.80 -6.00 0.56
N SER B 38 29.24 -4.85 0.83
CA SER B 38 28.02 -4.77 1.59
C SER B 38 26.93 -4.15 0.71
N THR B 39 25.83 -4.88 0.53
CA THR B 39 24.72 -4.39 -0.28
C THR B 39 23.45 -4.26 0.54
N ALA B 40 22.63 -3.27 0.20
CA ALA B 40 21.37 -3.12 0.89
C ALA B 40 20.43 -4.27 0.60
N GLY B 41 20.73 -5.05 -0.45
CA GLY B 41 19.85 -6.13 -0.91
C GLY B 41 20.27 -6.69 -2.26
N THR B 42 19.60 -7.74 -2.69
CA THR B 42 19.89 -8.39 -3.96
C THR B 42 18.59 -8.91 -4.59
N ASP B 43 17.45 -8.35 -4.20
CA ASP B 43 16.13 -8.89 -4.56
C ASP B 43 15.65 -8.59 -5.99
N HIS B 44 16.41 -7.84 -6.78
CA HIS B 44 16.07 -7.58 -8.18
C HIS B 44 17.33 -7.36 -9.04
N PHE B 45 17.15 -7.40 -10.34
CA PHE B 45 18.24 -7.41 -11.30
C PHE B 45 19.46 -6.52 -11.01
N PHE B 46 19.25 -5.23 -10.81
CA PHE B 46 20.37 -4.29 -10.74
C PHE B 46 21.26 -4.61 -9.56
N ASP B 47 20.61 -4.68 -8.41
CA ASP B 47 21.28 -4.99 -7.14
C ASP B 47 22.08 -6.28 -7.23
N LEU B 48 21.44 -7.36 -7.66
CA LEU B 48 22.12 -8.66 -7.71
C LEU B 48 23.29 -8.61 -8.66
N GLN B 49 23.05 -8.02 -9.82
CA GLN B 49 24.06 -7.94 -10.84
C GLN B 49 25.32 -7.21 -10.34
N ALA B 50 25.13 -6.08 -9.65
CA ALA B 50 26.23 -5.25 -9.16
C ALA B 50 27.01 -5.99 -8.08
N TYR B 51 26.27 -6.64 -7.20
CA TYR B 51 26.83 -7.48 -6.14
C TYR B 51 27.74 -8.58 -6.68
N ASN B 52 27.17 -9.50 -7.47
CA ASN B 52 27.94 -10.61 -8.05
C ASN B 52 29.15 -10.15 -8.88
N ALA B 53 29.03 -9.02 -9.57
CA ALA B 53 30.17 -8.54 -10.34
C ALA B 53 31.32 -8.08 -9.44
N GLN B 54 31.02 -7.53 -8.28
CA GLN B 54 32.07 -7.11 -7.35
C GLN B 54 32.79 -8.35 -6.83
N ILE B 55 32.01 -9.30 -6.31
CA ILE B 55 32.54 -10.55 -5.83
C ILE B 55 33.45 -11.17 -6.86
N ALA B 56 33.00 -11.22 -8.11
CA ALA B 56 33.79 -11.84 -9.17
C ALA B 56 35.11 -11.08 -9.35
N GLU B 57 35.04 -9.75 -9.58
CA GLU B 57 36.23 -8.93 -9.86
C GLU B 57 37.28 -8.93 -8.73
N VAL B 58 36.85 -9.04 -7.49
CA VAL B 58 37.80 -9.15 -6.40
C VAL B 58 38.62 -10.44 -6.58
N LYS B 59 37.91 -11.54 -6.86
CA LYS B 59 38.57 -12.83 -7.02
C LYS B 59 39.52 -12.77 -8.20
N ARG B 60 38.99 -12.27 -9.32
CA ARG B 60 39.75 -12.09 -10.53
C ARG B 60 41.07 -11.42 -10.18
N LEU B 61 41.04 -10.45 -9.26
CA LEU B 61 42.23 -9.67 -8.95
C LEU B 61 43.01 -10.24 -7.77
N GLY B 62 42.56 -11.38 -7.26
CA GLY B 62 43.31 -12.18 -6.30
C GLY B 62 42.98 -11.86 -4.86
N GLY B 63 41.90 -11.13 -4.64
CA GLY B 63 41.54 -10.75 -3.29
C GLY B 63 40.46 -11.64 -2.72
N GLU B 64 40.16 -11.42 -1.45
CA GLU B 64 39.15 -12.19 -0.74
C GLU B 64 37.95 -11.29 -0.38
N PRO B 65 36.77 -11.63 -0.90
CA PRO B 65 35.63 -10.75 -0.68
C PRO B 65 34.93 -11.09 0.61
N LEU B 66 34.55 -10.08 1.36
CA LEU B 66 33.71 -10.32 2.53
C LEU B 66 32.35 -9.74 2.20
N ALA B 67 31.53 -10.58 1.55
CA ALA B 67 30.27 -10.13 0.95
C ALA B 67 29.07 -10.37 1.88
N VAL B 68 28.32 -9.31 2.10
CA VAL B 68 27.20 -9.35 3.02
C VAL B 68 25.97 -8.64 2.42
N ASP B 69 24.87 -9.39 2.41
CA ASP B 69 23.61 -9.00 1.77
C ASP B 69 22.58 -8.71 2.84
N ALA B 70 22.17 -7.46 2.99
CA ALA B 70 21.26 -7.09 4.07
C ALA B 70 19.77 -7.50 3.86
N GLY B 71 19.46 -8.18 2.77
CA GLY B 71 18.08 -8.55 2.49
C GLY B 71 17.09 -7.38 2.62
N ARG B 72 17.51 -6.18 2.24
CA ARG B 72 16.64 -5.00 2.30
C ARG B 72 16.02 -4.77 3.69
N SER B 73 16.80 -5.07 4.71
CA SER B 73 16.50 -4.67 6.07
C SER B 73 17.53 -3.65 6.50
N ASP B 74 17.05 -2.50 6.97
CA ASP B 74 17.94 -1.46 7.48
C ASP B 74 18.75 -1.93 8.69
N GLY B 75 18.08 -2.65 9.60
CA GLY B 75 18.72 -3.17 10.79
C GLY B 75 19.85 -4.12 10.44
N LYS B 76 19.62 -5.04 9.51
CA LYS B 76 20.67 -5.97 9.12
C LYS B 76 21.82 -5.17 8.44
N LEU B 77 21.45 -4.17 7.64
CA LEU B 77 22.42 -3.36 6.93
C LEU B 77 23.39 -2.71 7.87
N VAL B 78 22.88 -1.98 8.85
CA VAL B 78 23.70 -1.35 9.88
C VAL B 78 24.50 -2.39 10.68
N ALA B 79 23.94 -3.60 10.84
CA ALA B 79 24.61 -4.64 11.62
C ALA B 79 25.80 -5.21 10.88
N GLN B 80 25.63 -5.46 9.59
CA GLN B 80 26.70 -6.04 8.81
C GLN B 80 27.82 -5.02 8.57
N LEU B 81 27.48 -3.73 8.59
CA LEU B 81 28.50 -2.70 8.44
C LEU B 81 29.36 -2.66 9.72
N GLN B 82 28.68 -2.62 10.86
CA GLN B 82 29.34 -2.73 12.16
C GLN B 82 30.25 -3.95 12.26
N THR B 83 29.76 -5.10 11.81
CA THR B 83 30.60 -6.29 11.78
C THR B 83 31.77 -6.08 10.81
N LEU B 84 31.53 -5.47 9.65
CA LEU B 84 32.60 -5.30 8.71
C LEU B 84 33.70 -4.41 9.30
N ILE B 85 33.30 -3.36 10.01
CA ILE B 85 34.28 -2.47 10.63
C ILE B 85 35.13 -3.27 11.64
N ALA B 86 34.49 -4.13 12.42
CA ALA B 86 35.21 -4.96 13.39
C ALA B 86 36.25 -5.84 12.73
N GLN B 87 35.93 -6.36 11.55
CA GLN B 87 36.83 -7.29 10.88
C GLN B 87 37.96 -6.56 10.22
N LYS B 88 37.90 -5.23 10.29
CA LYS B 88 38.96 -4.35 9.81
C LYS B 88 39.55 -4.77 8.46
N PRO B 89 38.70 -4.84 7.42
CA PRO B 89 39.14 -5.15 6.05
C PRO B 89 39.95 -3.99 5.45
N ASP B 90 40.58 -4.20 4.30
CA ASP B 90 41.44 -3.22 3.69
C ASP B 90 40.62 -2.10 3.03
N ALA B 91 39.33 -2.38 2.80
CA ALA B 91 38.37 -1.41 2.28
C ALA B 91 36.94 -2.01 2.34
N ILE B 92 35.93 -1.14 2.38
CA ILE B 92 34.55 -1.60 2.28
C ILE B 92 33.89 -0.87 1.10
N VAL B 93 33.10 -1.59 0.31
CA VAL B 93 32.33 -1.01 -0.77
C VAL B 93 30.90 -1.25 -0.40
N GLN B 94 30.14 -0.17 -0.32
CA GLN B 94 28.73 -0.24 0.01
C GLN B 94 27.88 0.00 -1.23
N LEU B 95 26.94 -0.91 -1.48
CA LEU B 95 26.05 -0.79 -2.65
C LEU B 95 24.63 -0.40 -2.25
N LEU B 96 24.26 0.81 -2.61
CA LEU B 96 22.91 1.32 -2.44
C LEU B 96 22.58 1.47 -0.97
N GLY B 97 21.30 1.71 -0.68
CA GLY B 97 20.89 2.07 0.67
C GLY B 97 20.52 3.54 0.77
N THR B 98 19.66 3.84 1.75
CA THR B 98 19.28 5.20 2.05
C THR B 98 20.45 5.91 2.74
N LEU B 99 20.82 7.09 2.23
CA LEU B 99 22.06 7.76 2.65
C LEU B 99 22.14 7.99 4.18
N THR B 100 21.06 8.52 4.75
CA THR B 100 21.07 8.87 6.17
C THR B 100 21.07 7.66 7.10
N VAL B 101 20.76 6.48 6.54
CA VAL B 101 20.75 5.24 7.29
C VAL B 101 22.18 4.73 7.42
N ILE B 102 22.93 4.76 6.32
CA ILE B 102 24.28 4.22 6.35
C ILE B 102 25.35 5.26 6.67
N ASP B 103 25.07 6.55 6.46
CA ASP B 103 26.16 7.53 6.54
C ASP B 103 26.95 7.46 7.84
N PRO B 104 26.27 7.38 8.99
CA PRO B 104 27.04 7.33 10.24
C PRO B 104 27.99 6.16 10.27
N TRP B 105 27.59 5.06 9.63
CA TRP B 105 28.45 3.87 9.61
C TRP B 105 29.56 3.97 8.56
N LEU B 106 29.28 4.71 7.51
CA LEU B 106 30.32 4.99 6.54
C LEU B 106 31.40 5.82 7.24
N LYS B 107 30.97 6.81 8.02
CA LYS B 107 31.88 7.70 8.72
C LYS B 107 32.71 6.94 9.77
N ARG B 108 32.02 6.19 10.64
CA ARG B 108 32.71 5.33 11.59
C ARG B 108 33.78 4.45 10.91
N ALA B 109 33.48 3.86 9.76
CA ALA B 109 34.45 3.06 9.07
C ALA B 109 35.66 3.89 8.67
N ARG B 110 35.43 5.03 8.01
CA ARG B 110 36.54 5.94 7.66
C ARG B 110 37.38 6.31 8.89
N ASP B 111 36.71 6.73 9.95
CA ASP B 111 37.38 7.22 11.14
C ASP B 111 38.20 6.11 11.79
N ALA B 112 37.76 4.87 11.61
CA ALA B 112 38.50 3.72 12.10
C ALA B 112 39.65 3.37 11.16
N GLY B 113 39.90 4.24 10.19
CA GLY B 113 40.92 3.98 9.19
C GLY B 113 40.60 2.96 8.13
N ILE B 114 39.32 2.72 7.82
CA ILE B 114 38.96 1.86 6.70
C ILE B 114 38.47 2.65 5.47
N PRO B 115 39.16 2.48 4.32
CA PRO B 115 38.68 3.13 3.10
C PRO B 115 37.27 2.66 2.77
N VAL B 116 36.44 3.63 2.36
CA VAL B 116 35.08 3.34 1.99
C VAL B 116 34.85 3.86 0.57
N LEU B 117 34.27 2.98 -0.25
CA LEU B 117 33.80 3.32 -1.57
C LEU B 117 32.32 2.93 -1.65
N THR B 118 31.64 3.46 -2.65
CA THR B 118 30.21 3.22 -2.83
C THR B 118 29.81 2.96 -4.27
N ILE B 119 28.66 2.29 -4.43
CA ILE B 119 27.98 2.26 -5.70
C ILE B 119 26.58 2.83 -5.40
N ASP B 120 26.24 3.91 -6.08
CA ASP B 120 24.95 4.56 -5.94
C ASP B 120 24.72 5.10 -4.54
N VAL B 121 25.81 5.54 -3.91
CA VAL B 121 25.71 6.31 -2.67
C VAL B 121 26.64 7.54 -2.70
N GLY B 122 26.02 8.73 -2.68
CA GLY B 122 26.77 9.98 -2.79
C GLY B 122 27.12 10.56 -1.46
N SER B 123 27.84 9.76 -0.65
CA SER B 123 28.23 10.18 0.68
C SER B 123 29.53 11.01 0.73
N SER B 124 29.56 11.95 1.67
CA SER B 124 30.74 12.73 1.93
C SER B 124 31.85 11.84 2.49
N HIS B 125 31.50 10.66 3.01
CA HIS B 125 32.50 9.75 3.53
C HIS B 125 32.96 8.71 2.51
N SER B 126 32.33 8.63 1.36
CA SER B 126 32.82 7.74 0.32
C SER B 126 33.95 8.40 -0.49
N LEU B 127 35.06 7.68 -0.63
CA LEU B 127 36.21 8.12 -1.44
C LEU B 127 35.91 8.14 -2.94
N ASN B 128 34.90 7.39 -3.34
CA ASN B 128 34.58 7.22 -4.73
C ASN B 128 33.22 6.56 -4.80
N ASN B 129 32.33 7.20 -5.54
CA ASN B 129 30.97 6.72 -5.77
C ASN B 129 30.88 6.30 -7.22
N SER B 130 30.80 4.99 -7.45
CA SER B 130 30.57 4.48 -8.79
C SER B 130 29.06 4.48 -9.07
N THR B 131 28.67 5.10 -10.16
CA THR B 131 27.25 5.32 -10.37
C THR B 131 27.05 5.64 -11.85
N SER B 132 25.81 5.58 -12.30
CA SER B 132 25.52 6.12 -13.62
C SER B 132 25.56 7.62 -13.48
N ASP B 133 25.73 8.30 -14.60
CA ASP B 133 25.50 9.75 -14.59
C ASP B 133 23.99 9.90 -14.51
N ASN B 134 23.45 10.10 -13.31
CA ASN B 134 22.01 10.09 -13.17
C ASN B 134 21.33 11.40 -13.57
N TRP B 135 22.13 12.46 -13.68
CA TRP B 135 21.66 13.70 -14.25
C TRP B 135 21.24 13.42 -15.67
N GLY B 136 22.10 12.69 -16.38
CA GLY B 136 21.81 12.31 -17.75
C GLY B 136 20.64 11.34 -17.85
N ILE B 137 20.61 10.36 -16.97
CA ILE B 137 19.54 9.37 -16.96
C ILE B 137 18.20 10.05 -16.74
N GLY B 138 18.14 10.87 -15.69
CA GLY B 138 16.94 11.59 -15.35
C GLY B 138 16.42 12.51 -16.43
N LYS B 139 17.30 13.26 -17.09
CA LYS B 139 16.77 14.15 -18.12
C LYS B 139 16.37 13.35 -19.36
N ASP B 140 17.08 12.26 -19.63
CA ASP B 140 16.82 11.50 -20.84
C ASP B 140 15.45 10.85 -20.75
N LEU B 141 15.19 10.23 -19.60
CA LEU B 141 13.92 9.56 -19.36
C LEU B 141 12.81 10.59 -19.45
N ALA B 142 12.98 11.70 -18.74
CA ALA B 142 11.97 12.77 -18.66
C ALA B 142 11.62 13.40 -20.00
N LEU B 143 12.62 13.66 -20.82
CA LEU B 143 12.43 14.27 -22.13
C LEU B 143 11.70 13.27 -23.01
N GLN B 144 12.05 11.99 -22.91
CA GLN B 144 11.30 10.96 -23.63
C GLN B 144 9.83 11.01 -23.27
N LEU B 145 9.54 11.15 -21.97
CA LEU B 145 8.16 11.17 -21.50
C LEU B 145 7.45 12.38 -22.10
N VAL B 146 8.07 13.55 -21.90
CA VAL B 146 7.50 14.79 -22.38
C VAL B 146 7.22 14.69 -23.87
N SER B 147 8.15 14.12 -24.62
CA SER B 147 7.96 13.99 -26.05
C SER B 147 6.78 13.06 -26.34
N ASP B 148 6.73 11.96 -25.62
CA ASP B 148 5.75 10.91 -25.93
C ASP B 148 4.31 11.39 -25.73
N ILE B 149 4.12 12.25 -24.74
CA ILE B 149 2.80 12.71 -24.36
C ILE B 149 2.46 14.08 -24.94
N GLY B 150 3.33 14.56 -25.81
CA GLY B 150 3.12 15.82 -26.51
C GLY B 150 3.17 17.04 -25.63
N GLY B 151 3.97 16.98 -24.56
CA GLY B 151 4.17 18.14 -23.71
C GLY B 151 2.99 18.55 -22.85
N GLU B 152 1.98 17.69 -22.71
CA GLU B 152 0.84 18.04 -21.85
C GLU B 152 0.21 16.80 -21.24
N GLY B 153 -0.30 16.95 -20.04
CA GLY B 153 -0.96 15.82 -19.41
C GLY B 153 -0.48 15.53 -18.01
N ASN B 154 -1.19 14.61 -17.37
CA ASN B 154 -0.96 14.26 -16.00
C ASN B 154 -0.05 13.03 -15.87
N VAL B 155 0.84 13.10 -14.89
CA VAL B 155 1.82 12.05 -14.68
C VAL B 155 1.69 11.57 -13.25
N VAL B 156 1.50 10.27 -13.08
CA VAL B 156 1.62 9.63 -11.77
C VAL B 156 3.10 9.29 -11.47
N VAL B 157 3.57 9.68 -10.28
CA VAL B 157 4.95 9.49 -9.93
C VAL B 157 5.14 8.56 -8.73
N PHE B 158 5.98 7.52 -8.91
CA PHE B 158 6.52 6.75 -7.78
C PHE B 158 7.84 7.39 -7.35
N ASN B 159 7.85 7.93 -6.14
CA ASN B 159 8.99 8.67 -5.59
C ASN B 159 9.24 8.18 -4.16
N GLY B 160 9.50 6.89 -4.02
CA GLY B 160 9.54 6.31 -2.69
C GLY B 160 10.95 6.18 -2.19
N PHE B 161 11.92 6.48 -3.04
CA PHE B 161 13.32 6.27 -2.63
C PHE B 161 14.16 7.51 -2.80
N TYR B 162 13.53 8.65 -2.53
CA TYR B 162 14.20 9.95 -2.67
C TYR B 162 15.46 10.05 -1.77
N GLY B 163 15.54 9.22 -0.73
CA GLY B 163 16.69 9.16 0.12
C GLY B 163 17.86 8.39 -0.47
N VAL B 164 17.70 7.86 -1.68
CA VAL B 164 18.73 7.10 -2.38
C VAL B 164 19.30 7.94 -3.51
N THR B 165 20.60 8.21 -3.45
CA THR B 165 21.21 9.23 -4.30
C THR B 165 20.76 9.22 -5.75
N PRO B 166 20.95 8.08 -6.45
CA PRO B 166 20.53 8.10 -7.85
C PRO B 166 19.03 8.39 -8.05
N CYS B 167 18.20 7.91 -7.13
CA CYS B 167 16.75 8.08 -7.30
C CYS B 167 16.34 9.54 -7.06
N ALA B 168 17.01 10.21 -6.12
CA ALA B 168 16.79 11.63 -5.90
C ALA B 168 17.14 12.48 -7.14
N ILE B 169 18.33 12.25 -7.72
CA ILE B 169 18.76 12.94 -8.94
C ILE B 169 17.78 12.66 -10.12
N ARG B 170 17.36 11.40 -10.26
CA ARG B 170 16.40 11.02 -11.28
C ARG B 170 15.10 11.84 -11.15
N TYR B 171 14.59 11.92 -9.93
CA TYR B 171 13.42 12.71 -9.64
C TYR B 171 13.68 14.20 -9.87
N ASP B 172 14.82 14.71 -9.40
CA ASP B 172 15.07 16.16 -9.58
C ASP B 172 15.10 16.51 -11.06
N GLN B 173 15.58 15.59 -11.88
CA GLN B 173 15.63 15.88 -13.31
C GLN B 173 14.25 15.89 -13.97
N LEU B 174 13.40 14.96 -13.55
CA LEU B 174 12.02 14.99 -13.98
C LEU B 174 11.45 16.39 -13.72
N VAL B 175 11.57 16.84 -12.48
CA VAL B 175 11.05 18.14 -12.07
C VAL B 175 11.60 19.24 -12.95
N ASN B 176 12.94 19.22 -13.11
N ASN B 176 12.93 19.28 -13.13
CA ASN B 176 13.67 20.23 -13.84
CA ASN B 176 13.49 20.37 -13.87
C ASN B 176 13.34 20.22 -15.33
C ASN B 176 13.23 20.27 -15.36
N VAL B 177 12.87 19.09 -15.83
CA VAL B 177 12.51 19.01 -17.23
C VAL B 177 11.09 19.50 -17.41
N ILE B 178 10.14 18.92 -16.66
CA ILE B 178 8.75 19.34 -16.85
C ILE B 178 8.53 20.80 -16.48
N LYS B 179 9.47 21.39 -15.75
CA LYS B 179 9.37 22.79 -15.39
C LYS B 179 9.14 23.63 -16.65
N TYR B 180 9.74 23.18 -17.76
CA TYR B 180 9.74 23.90 -19.02
C TYR B 180 8.64 23.45 -19.97
N PHE B 181 7.73 22.61 -19.46
CA PHE B 181 6.57 22.16 -20.22
C PHE B 181 5.40 22.21 -19.24
N PRO B 182 4.96 23.42 -18.91
CA PRO B 182 4.02 23.66 -17.80
C PRO B 182 2.69 22.91 -17.94
N LYS B 183 2.28 22.49 -19.13
CA LYS B 183 1.03 21.71 -19.25
C LYS B 183 1.21 20.26 -18.73
N VAL B 184 2.42 19.89 -18.38
CA VAL B 184 2.67 18.57 -17.79
C VAL B 184 2.63 18.70 -16.27
N LYS B 185 1.75 17.97 -15.65
CA LYS B 185 1.51 18.12 -14.21
C LYS B 185 1.71 16.77 -13.52
N ILE B 186 2.26 16.77 -12.31
CA ILE B 186 2.40 15.57 -11.52
C ILE B 186 1.20 15.42 -10.64
N ILE B 187 0.55 14.25 -10.67
CA ILE B 187 -0.63 14.00 -9.85
C ILE B 187 -0.29 14.00 -8.35
N GLN B 188 -1.10 14.68 -7.56
CA GLN B 188 -0.90 14.71 -6.12
C GLN B 188 -1.93 13.84 -5.45
N PRO B 189 -1.52 13.02 -4.46
CA PRO B 189 -0.13 12.89 -4.00
C PRO B 189 0.74 11.98 -4.89
N GLU B 190 2.05 12.20 -4.87
CA GLU B 190 3.01 11.21 -5.38
C GLU B 190 2.85 9.91 -4.62
N LEU B 191 3.11 8.81 -5.30
CA LEU B 191 3.01 7.50 -4.69
C LEU B 191 4.40 7.14 -4.16
N ARG B 192 4.43 6.22 -3.22
CA ARG B 192 5.67 5.77 -2.66
C ARG B 192 5.77 4.29 -2.95
N ASP B 193 6.69 3.97 -3.85
CA ASP B 193 6.99 2.60 -4.21
C ASP B 193 7.76 1.93 -3.08
N VAL B 194 7.75 0.60 -3.00
CA VAL B 194 8.39 -0.08 -1.86
C VAL B 194 9.24 -1.27 -2.27
N ILE B 195 10.11 -1.68 -1.35
CA ILE B 195 10.85 -2.92 -1.47
C ILE B 195 10.76 -3.58 -0.08
N PRO B 196 10.52 -4.91 -0.02
CA PRO B 196 10.25 -5.83 -1.13
C PRO B 196 8.75 -5.84 -1.49
N ASN B 197 8.30 -6.80 -2.28
CA ASN B 197 6.91 -6.81 -2.74
C ASN B 197 6.60 -5.65 -3.68
N THR B 198 7.60 -5.24 -4.45
CA THR B 198 7.52 -4.03 -5.24
C THR B 198 6.48 -4.15 -6.38
N VAL B 199 6.61 -5.21 -7.18
CA VAL B 199 5.68 -5.44 -8.29
C VAL B 199 4.23 -5.44 -7.80
N GLN B 200 3.97 -6.22 -6.76
CA GLN B 200 2.62 -6.42 -6.27
C GLN B 200 2.06 -5.13 -5.72
N ASP B 201 2.87 -4.39 -4.97
CA ASP B 201 2.45 -3.10 -4.43
C ASP B 201 2.19 -2.05 -5.52
N ALA B 202 3.09 -1.95 -6.50
CA ALA B 202 2.94 -0.97 -7.58
C ALA B 202 1.72 -1.29 -8.42
N PHE B 203 1.51 -2.57 -8.68
CA PHE B 203 0.29 -3.01 -9.36
C PHE B 203 -0.97 -2.51 -8.61
N ALA B 204 -0.99 -2.68 -7.30
CA ALA B 204 -2.18 -2.33 -6.55
C ALA B 204 -2.35 -0.81 -6.48
N GLN B 205 -1.28 -0.07 -6.24
CA GLN B 205 -1.39 1.37 -6.20
C GLN B 205 -1.87 1.93 -7.55
N VAL B 206 -1.36 1.40 -8.67
CA VAL B 206 -1.80 1.92 -9.97
C VAL B 206 -3.25 1.54 -10.22
N THR B 207 -3.60 0.32 -9.85
CA THR B 207 -5.00 -0.13 -10.00
C THR B 207 -5.98 0.84 -9.32
N ALA B 208 -5.67 1.26 -8.10
CA ALA B 208 -6.44 2.28 -7.38
C ALA B 208 -6.46 3.64 -8.10
N ILE B 209 -5.29 4.15 -8.49
CA ILE B 209 -5.24 5.39 -9.26
C ILE B 209 -6.18 5.36 -10.48
N LEU B 210 -6.16 4.24 -11.19
CA LEU B 210 -6.99 4.07 -12.39
C LEU B 210 -8.49 4.19 -12.07
N ASN B 211 -8.93 3.67 -10.91
CA ASN B 211 -10.33 3.83 -10.53
C ASN B 211 -10.61 5.22 -10.01
N LYS B 212 -9.62 5.86 -9.42
CA LYS B 212 -9.82 7.23 -9.03
C LYS B 212 -9.91 8.15 -10.26
N TYR B 213 -9.21 7.78 -11.32
CA TYR B 213 -9.14 8.59 -12.52
C TYR B 213 -9.66 7.78 -13.71
N PRO B 214 -10.99 7.54 -13.75
CA PRO B 214 -11.58 6.61 -14.72
C PRO B 214 -11.63 7.14 -16.16
N GLU B 215 -11.56 8.44 -16.36
CA GLU B 215 -11.61 8.96 -17.71
C GLU B 215 -10.27 8.78 -18.44
N LYS B 216 -10.36 8.13 -19.59
CA LYS B 216 -9.18 7.93 -20.42
C LYS B 216 -8.72 9.31 -20.88
N GLY B 217 -7.41 9.52 -20.83
CA GLY B 217 -6.84 10.83 -21.09
C GLY B 217 -6.51 11.57 -19.81
N SER B 218 -7.12 11.19 -18.69
CA SER B 218 -6.93 11.94 -17.46
C SER B 218 -5.55 11.65 -16.86
N ILE B 219 -4.95 10.56 -17.32
CA ILE B 219 -3.57 10.25 -16.92
C ILE B 219 -2.85 9.91 -18.18
N LYS B 220 -1.68 10.52 -18.38
CA LYS B 220 -0.88 10.23 -19.54
C LYS B 220 0.26 9.25 -19.28
N ALA B 221 0.88 9.34 -18.10
CA ALA B 221 2.10 8.60 -17.86
C ALA B 221 2.26 8.17 -16.41
N ILE B 222 3.04 7.12 -16.21
CA ILE B 222 3.49 6.77 -14.90
C ILE B 222 5.02 6.68 -14.92
N TRP B 223 5.66 7.39 -13.98
CA TRP B 223 7.10 7.52 -13.91
C TRP B 223 7.55 6.91 -12.59
N SER B 224 8.66 6.14 -12.66
CA SER B 224 9.32 5.55 -11.49
C SER B 224 10.83 5.73 -11.67
N ALA B 225 11.55 5.86 -10.56
CA ALA B 225 12.99 6.08 -10.59
C ALA B 225 13.75 4.80 -10.89
N TRP B 226 13.05 3.66 -10.92
CA TRP B 226 13.64 2.36 -11.25
C TRP B 226 12.52 1.49 -11.84
N ASP B 227 12.87 0.42 -12.55
CA ASP B 227 11.88 -0.20 -13.45
C ASP B 227 11.05 -1.37 -12.89
N ILE B 228 11.27 -1.77 -11.66
CA ILE B 228 10.45 -2.85 -11.09
C ILE B 228 9.08 -2.28 -10.70
N PRO B 229 9.02 -1.08 -10.12
CA PRO B 229 7.72 -0.43 -9.99
C PRO B 229 7.01 -0.18 -11.35
N GLN B 230 7.77 0.13 -12.41
CA GLN B 230 7.23 0.26 -13.77
C GLN B 230 6.60 -1.05 -14.27
N LEU B 231 7.27 -2.16 -13.98
CA LEU B 231 6.76 -3.48 -14.31
C LEU B 231 5.35 -3.70 -13.74
N GLY B 232 5.19 -3.40 -12.46
CA GLY B 232 3.89 -3.59 -11.82
C GLY B 232 2.84 -2.63 -12.33
N ALA B 233 3.24 -1.37 -12.54
CA ALA B 233 2.37 -0.39 -13.11
C ALA B 233 1.90 -0.82 -14.50
N THR B 234 2.85 -1.27 -15.31
CA THR B 234 2.57 -1.64 -16.69
C THR B 234 1.52 -2.78 -16.74
N GLN B 235 1.76 -3.79 -15.91
CA GLN B 235 0.86 -4.91 -15.69
C GLN B 235 -0.55 -4.42 -15.27
N ALA B 236 -0.60 -3.52 -14.30
CA ALA B 236 -1.88 -2.94 -13.90
C ALA B 236 -2.60 -2.25 -15.04
N LEU B 237 -1.87 -1.55 -15.92
CA LEU B 237 -2.54 -0.88 -17.07
C LEU B 237 -3.21 -1.89 -18.00
N ALA B 238 -2.44 -2.91 -18.35
CA ALA B 238 -2.97 -3.99 -19.17
C ALA B 238 -4.22 -4.60 -18.55
N ALA B 239 -4.15 -4.89 -17.25
CA ALA B 239 -5.22 -5.59 -16.52
C ALA B 239 -6.48 -4.74 -16.48
N ALA B 240 -6.30 -3.42 -16.43
CA ALA B 240 -7.43 -2.52 -16.33
C ALA B 240 -7.92 -2.09 -17.74
N GLY B 241 -7.22 -2.49 -18.78
CA GLY B 241 -7.51 -2.00 -20.12
C GLY B 241 -7.31 -0.49 -20.20
N ARG B 242 -6.24 0.01 -19.57
CA ARG B 242 -5.84 1.42 -19.66
C ARG B 242 -4.52 1.57 -20.41
N THR B 243 -4.44 0.91 -21.55
CA THR B 243 -3.22 0.85 -22.33
C THR B 243 -2.84 2.15 -23.03
N GLU B 244 -3.64 3.21 -22.86
CA GLU B 244 -3.34 4.51 -23.44
C GLU B 244 -2.28 5.23 -22.62
N ILE B 245 -2.10 4.79 -21.38
CA ILE B 245 -1.12 5.35 -20.47
C ILE B 245 0.26 4.76 -20.77
N LYS B 246 1.32 5.59 -20.72
CA LYS B 246 2.69 5.11 -20.96
C LYS B 246 3.53 5.06 -19.65
N THR B 247 4.43 4.07 -19.52
CA THR B 247 5.23 3.93 -18.26
C THR B 247 6.72 4.15 -18.53
N TYR B 248 7.42 4.68 -17.53
CA TYR B 248 8.83 5.05 -17.67
C TYR B 248 9.60 4.56 -16.44
N GLY B 249 10.83 4.12 -16.66
CA GLY B 249 11.65 3.69 -15.54
C GLY B 249 13.12 3.60 -15.89
N VAL B 250 13.87 3.03 -14.95
CA VAL B 250 15.33 2.94 -15.04
C VAL B 250 15.82 1.59 -14.55
N ASP B 251 16.89 1.12 -15.22
CA ASP B 251 17.69 -0.06 -14.92
C ASP B 251 17.90 -0.93 -16.13
N GLY B 252 16.84 -1.09 -16.95
CA GLY B 252 16.93 -2.02 -18.05
C GLY B 252 17.01 -3.45 -17.58
N SER B 253 16.23 -3.75 -16.54
CA SER B 253 15.89 -5.14 -16.22
C SER B 253 15.37 -5.84 -17.44
N PRO B 254 15.85 -7.07 -17.69
CA PRO B 254 15.47 -7.75 -18.93
C PRO B 254 13.94 -7.93 -19.07
N GLU B 255 13.26 -8.21 -17.98
CA GLU B 255 11.82 -8.44 -18.04
C GLU B 255 11.07 -7.15 -18.42
N VAL B 256 11.64 -5.98 -18.13
CA VAL B 256 11.01 -4.72 -18.52
C VAL B 256 11.42 -4.27 -19.90
N LEU B 257 12.67 -4.51 -20.27
CA LEU B 257 13.06 -4.21 -21.63
C LEU B 257 12.24 -5.04 -22.64
N GLN B 258 11.78 -6.23 -22.24
CA GLN B 258 10.97 -7.03 -23.13
C GLN B 258 9.65 -6.34 -23.40
N LEU B 259 9.12 -5.67 -22.38
CA LEU B 259 7.87 -4.94 -22.51
C LEU B 259 8.04 -3.71 -23.40
N VAL B 260 9.09 -2.93 -23.15
CA VAL B 260 9.36 -1.82 -24.00
C VAL B 260 9.45 -2.31 -25.48
N ALA B 261 9.94 -3.53 -25.68
CA ALA B 261 10.12 -4.05 -27.04
C ALA B 261 8.77 -4.47 -27.66
N ASP B 262 7.83 -4.80 -26.81
CA ASP B 262 6.49 -5.20 -27.24
C ASP B 262 5.68 -3.98 -27.71
N PRO B 263 5.37 -3.92 -29.01
CA PRO B 263 4.66 -2.77 -29.58
C PRO B 263 3.32 -2.53 -28.90
N ALA B 264 2.73 -3.58 -28.36
CA ALA B 264 1.41 -3.45 -27.75
C ALA B 264 1.47 -3.09 -26.27
N SER B 265 2.66 -3.08 -25.68
CA SER B 265 2.78 -2.85 -24.25
C SER B 265 2.86 -1.35 -23.92
N PRO B 266 2.19 -0.94 -22.84
CA PRO B 266 2.28 0.45 -22.39
C PRO B 266 3.68 0.87 -21.92
N ALA B 267 4.58 -0.08 -21.70
CA ALA B 267 5.93 0.26 -21.29
C ALA B 267 6.60 1.06 -22.42
N ALA B 268 6.98 2.29 -22.10
CA ALA B 268 7.37 3.22 -23.13
C ALA B 268 8.87 3.49 -23.17
N ALA B 269 9.52 3.55 -22.00
CA ALA B 269 10.96 3.73 -22.01
C ALA B 269 11.59 3.21 -20.72
N ASP B 270 12.86 2.82 -20.82
CA ASP B 270 13.56 2.34 -19.64
C ASP B 270 15.01 2.69 -19.88
N VAL B 271 15.61 3.47 -18.99
CA VAL B 271 17.00 3.78 -19.21
C VAL B 271 17.85 2.67 -18.67
N ALA B 272 18.51 1.94 -19.56
CA ALA B 272 19.25 0.75 -19.14
C ALA B 272 20.57 1.14 -18.50
N GLN B 273 20.87 0.53 -17.37
CA GLN B 273 22.16 0.69 -16.71
C GLN B 273 23.03 -0.55 -16.88
N GLN B 274 24.27 -0.45 -16.40
CA GLN B 274 25.23 -1.54 -16.51
C GLN B 274 25.69 -1.90 -15.13
N PRO B 275 24.82 -2.59 -14.37
CA PRO B 275 25.16 -2.98 -13.00
C PRO B 275 26.47 -3.76 -12.92
N ALA B 276 26.65 -4.72 -13.81
CA ALA B 276 27.86 -5.54 -13.78
C ALA B 276 29.08 -4.65 -13.94
N GLU B 277 29.04 -3.76 -14.92
CA GLU B 277 30.16 -2.83 -15.14
C GLU B 277 30.41 -1.95 -13.93
N LEU B 278 29.34 -1.51 -13.27
CA LEU B 278 29.48 -0.63 -12.11
C LEU B 278 30.22 -1.37 -10.99
N GLY B 279 29.84 -2.62 -10.81
CA GLY B 279 30.51 -3.46 -9.84
C GLY B 279 31.97 -3.65 -10.15
N ARG B 280 32.28 -3.97 -11.41
CA ARG B 280 33.69 -4.08 -11.78
C ARG B 280 34.39 -2.74 -11.50
N GLN B 281 33.75 -1.65 -11.89
CA GLN B 281 34.30 -0.32 -11.74
C GLN B 281 34.70 -0.03 -10.29
N ALA B 282 33.76 -0.31 -9.37
CA ALA B 282 33.97 -0.01 -7.98
C ALA B 282 35.23 -0.75 -7.43
N ILE B 283 35.45 -1.98 -7.90
CA ILE B 283 36.55 -2.80 -7.39
C ILE B 283 37.87 -2.43 -8.04
N GLN B 284 37.83 -2.11 -9.33
CA GLN B 284 38.99 -1.53 -10.00
C GLN B 284 39.45 -0.29 -9.22
N ASN B 285 38.50 0.56 -8.84
CA ASN B 285 38.82 1.74 -8.03
C ASN B 285 39.38 1.38 -6.66
N VAL B 286 38.84 0.34 -6.00
CA VAL B 286 39.46 -0.13 -4.77
C VAL B 286 40.95 -0.45 -5.02
N ALA B 287 41.20 -1.26 -6.04
CA ALA B 287 42.53 -1.68 -6.36
C ALA B 287 43.42 -0.47 -6.51
N LEU B 288 42.98 0.45 -7.37
CA LEU B 288 43.68 1.71 -7.58
C LEU B 288 43.99 2.42 -6.30
N LEU B 289 43.01 2.55 -5.42
CA LEU B 289 43.26 3.20 -4.15
C LEU B 289 44.32 2.44 -3.34
N LEU B 290 44.16 1.14 -3.18
CA LEU B 290 45.10 0.39 -2.32
C LEU B 290 46.51 0.41 -2.90
N SER B 291 46.57 0.64 -4.19
CA SER B 291 47.79 0.89 -4.94
C SER B 291 48.43 2.26 -4.60
N GLY B 292 47.67 3.14 -3.94
CA GLY B 292 48.21 4.42 -3.53
C GLY B 292 47.74 5.61 -4.37
N LYS B 293 46.84 5.36 -5.32
CA LYS B 293 46.35 6.45 -6.18
C LYS B 293 45.12 7.14 -5.58
N THR B 294 45.07 8.45 -5.72
CA THR B 294 43.90 9.21 -5.28
C THR B 294 42.78 9.07 -6.32
N LEU B 295 41.57 8.75 -5.84
CA LEU B 295 40.41 8.55 -6.70
C LEU B 295 39.55 9.81 -6.88
N PRO B 296 38.94 9.96 -8.05
CA PRO B 296 37.93 11.01 -8.24
C PRO B 296 36.70 10.68 -7.38
N ARG B 297 35.96 11.68 -6.98
CA ARG B 297 34.83 11.50 -6.09
C ARG B 297 33.75 10.61 -6.74
N GLU B 298 33.56 10.72 -8.05
CA GLU B 298 32.59 9.85 -8.73
C GLU B 298 33.17 9.21 -10.01
N SER B 299 32.72 8.01 -10.33
CA SER B 299 33.13 7.34 -11.55
C SER B 299 31.86 6.90 -12.25
N TYR B 300 31.62 7.45 -13.44
CA TYR B 300 30.35 7.27 -14.14
C TYR B 300 30.48 6.17 -15.18
N VAL B 301 29.50 5.28 -15.23
CA VAL B 301 29.43 4.30 -16.31
C VAL B 301 28.19 4.61 -17.17
N PRO B 302 28.36 4.50 -18.49
CA PRO B 302 27.25 4.98 -19.32
C PRO B 302 25.96 4.17 -19.11
N ALA B 303 24.82 4.81 -19.36
CA ALA B 303 23.53 4.17 -19.32
C ALA B 303 22.77 4.57 -20.59
N LEU B 304 21.99 3.66 -21.14
CA LEU B 304 21.44 3.84 -22.47
C LEU B 304 19.92 3.87 -22.46
N LEU B 305 19.37 4.94 -22.98
CA LEU B 305 17.94 5.10 -23.04
C LEU B 305 17.36 4.13 -24.06
N ALA B 306 16.42 3.31 -23.60
CA ALA B 306 15.80 2.37 -24.48
C ALA B 306 14.33 2.75 -24.59
N ASN B 307 13.87 3.08 -25.80
CA ASN B 307 12.47 3.35 -26.05
C ASN B 307 11.92 2.30 -26.99
N LYS B 308 10.66 2.42 -27.35
CA LYS B 308 9.99 1.39 -28.15
C LYS B 308 10.66 1.22 -29.52
N GLN B 309 11.41 2.24 -29.93
CA GLN B 309 12.10 2.18 -31.21
C GLN B 309 13.53 1.71 -31.08
N THR B 310 14.21 2.12 -30.01
CA THR B 310 15.64 1.86 -29.92
C THR B 310 15.94 0.66 -29.06
N VAL B 311 14.91 0.12 -28.39
CA VAL B 311 15.17 -0.92 -27.39
C VAL B 311 16.01 -2.07 -27.94
N ASN B 312 15.75 -2.46 -29.19
CA ASN B 312 16.46 -3.61 -29.74
C ASN B 312 17.94 -3.38 -29.98
N GLU B 313 18.30 -2.19 -30.44
CA GLU B 313 19.71 -1.82 -30.61
C GLU B 313 20.38 -1.70 -29.25
N VAL B 314 19.60 -1.35 -28.22
CA VAL B 314 20.16 -1.18 -26.89
C VAL B 314 20.38 -2.54 -26.21
N THR B 315 19.43 -3.46 -26.36
CA THR B 315 19.62 -4.83 -25.88
C THR B 315 20.78 -5.52 -26.63
N ARG B 316 21.00 -5.09 -27.86
CA ARG B 316 22.11 -5.57 -28.68
C ARG B 316 23.41 -4.78 -28.42
N LYS B 317 23.53 -4.20 -27.23
CA LYS B 317 24.82 -3.69 -26.76
C LYS B 317 25.00 -4.29 -25.37
N LEU B 318 23.88 -4.43 -24.66
CA LEU B 318 23.78 -5.46 -23.61
C LEU B 318 23.68 -6.87 -24.25
#